data_1VC8
#
_entry.id   1VC8
#
_cell.length_a   52.413
_cell.length_b   54.775
_cell.length_c   111.673
_cell.angle_alpha   90.00
_cell.angle_beta   90.00
_cell.angle_gamma   90.00
#
_symmetry.space_group_name_H-M   'P 21 21 21'
#
loop_
_entity.id
_entity.type
_entity.pdbx_description
1 polymer Ndx1
2 non-polymer "ADENOSINE-5'-PENTAPHOSPHATE"
3 water water
#
_entity_poly.entity_id   1
_entity_poly.type   'polypeptide(L)'
_entity_poly.pdbx_seq_one_letter_code
;MELGAGGVVFNAKREVLLLRDRMGFWVFPKGHPEPGESLEEAAVREVWEETGVRAEVLLPLYPTRYVNPKGVEREVHWFL
MRGEGAPRLEEGMTGAGWFSPEEARALLAFPEDLGLLEVALERLPL
;
_entity_poly.pdbx_strand_id   A,B
#
# COMPACT_ATOMS: atom_id res chain seq x y z
N MET A 1 -24.31 -14.67 13.26
CA MET A 1 -23.75 -13.40 12.69
C MET A 1 -22.77 -12.78 13.67
N GLU A 2 -21.59 -12.45 13.18
CA GLU A 2 -20.55 -11.83 14.00
C GLU A 2 -20.38 -10.36 13.63
N LEU A 3 -20.50 -9.51 14.62
CA LEU A 3 -20.37 -8.07 14.42
C LEU A 3 -18.93 -7.63 14.18
N GLY A 4 -18.79 -6.57 13.39
CA GLY A 4 -17.48 -6.01 13.11
C GLY A 4 -17.64 -4.49 13.17
N ALA A 5 -16.54 -3.78 13.35
CA ALA A 5 -16.55 -2.33 13.41
C ALA A 5 -15.30 -1.81 12.73
N GLY A 6 -15.46 -0.83 11.84
CA GLY A 6 -14.32 -0.31 11.13
C GLY A 6 -14.50 1.12 10.67
N GLY A 7 -13.47 1.66 10.03
CA GLY A 7 -13.57 3.03 9.57
C GLY A 7 -13.17 3.27 8.13
N VAL A 8 -13.81 4.27 7.54
CA VAL A 8 -13.51 4.71 6.18
C VAL A 8 -12.82 6.02 6.54
N VAL A 9 -11.50 5.95 6.61
CA VAL A 9 -10.66 7.07 7.01
C VAL A 9 -10.05 7.89 5.88
N PHE A 10 -10.25 9.20 5.95
CA PHE A 10 -9.74 10.14 4.96
C PHE A 10 -8.80 11.14 5.64
N ASN A 11 -7.84 11.65 4.88
CA ASN A 11 -6.92 12.65 5.41
C ASN A 11 -7.32 14.00 4.83
N ALA A 12 -6.52 15.03 5.10
CA ALA A 12 -6.83 16.37 4.61
C ALA A 12 -6.83 16.44 3.08
N LYS A 13 -6.06 15.59 2.43
CA LYS A 13 -6.02 15.59 0.97
C LYS A 13 -7.16 14.78 0.36
N ARG A 14 -8.11 14.38 1.21
CA ARG A 14 -9.26 13.61 0.78
C ARG A 14 -8.87 12.27 0.14
N GLU A 15 -7.81 11.67 0.68
CA GLU A 15 -7.34 10.37 0.23
C GLU A 15 -7.87 9.35 1.26
N VAL A 16 -8.19 8.15 0.82
CA VAL A 16 -8.72 7.14 1.73
C VAL A 16 -7.70 6.08 2.12
N LEU A 17 -7.78 5.65 3.39
CA LEU A 17 -6.88 4.65 3.95
C LEU A 17 -7.34 3.23 3.64
N LEU A 18 -6.55 2.51 2.86
CA LEU A 18 -6.87 1.14 2.49
C LEU A 18 -5.81 0.17 3.01
N LEU A 19 -6.21 -1.07 3.22
CA LEU A 19 -5.32 -2.11 3.69
C LEU A 19 -5.53 -3.36 2.84
N ARG A 20 -4.46 -4.09 2.57
CA ARG A 20 -4.53 -5.32 1.77
C ARG A 20 -4.41 -6.48 2.75
N ASP A 21 -5.41 -7.36 2.79
CA ASP A 21 -5.38 -8.48 3.74
C ASP A 21 -4.52 -9.67 3.32
N ARG A 22 -4.56 -10.73 4.14
CA ARG A 22 -3.78 -11.94 3.89
C ARG A 22 -4.13 -12.63 2.58
N MET A 23 -5.38 -12.49 2.15
CA MET A 23 -5.81 -13.12 0.91
C MET A 23 -5.56 -12.20 -0.27
N GLY A 24 -4.93 -11.06 0.01
CA GLY A 24 -4.61 -10.12 -1.07
C GLY A 24 -5.74 -9.21 -1.53
N PHE A 25 -6.73 -8.98 -0.67
CA PHE A 25 -7.85 -8.12 -1.01
C PHE A 25 -7.71 -6.75 -0.35
N TRP A 26 -7.93 -5.69 -1.12
CA TRP A 26 -7.87 -4.34 -0.55
C TRP A 26 -9.23 -4.06 0.07
N VAL A 27 -9.23 -3.68 1.35
CA VAL A 27 -10.45 -3.40 2.08
C VAL A 27 -10.18 -2.30 3.10
N PHE A 28 -11.20 -1.94 3.88
CA PHE A 28 -11.06 -0.92 4.92
C PHE A 28 -10.72 -1.62 6.24
N PRO A 29 -9.99 -0.94 7.13
CA PRO A 29 -9.65 -1.57 8.41
C PRO A 29 -10.87 -1.73 9.32
N LYS A 30 -11.03 -2.94 9.86
CA LYS A 30 -12.16 -3.23 10.76
C LYS A 30 -11.81 -4.45 11.61
N GLY A 31 -12.55 -4.66 12.69
CA GLY A 31 -12.30 -5.81 13.54
C GLY A 31 -13.44 -6.07 14.50
N HIS A 32 -13.28 -7.08 15.36
CA HIS A 32 -14.32 -7.41 16.33
C HIS A 32 -14.35 -6.45 17.51
N PRO A 33 -15.56 -6.04 17.92
CA PRO A 33 -15.72 -5.13 19.05
C PRO A 33 -15.47 -5.95 20.31
N GLU A 34 -14.94 -5.33 21.36
CA GLU A 34 -14.69 -6.06 22.60
C GLU A 34 -15.94 -5.93 23.45
N PRO A 35 -16.08 -6.79 24.47
CA PRO A 35 -17.27 -6.66 25.31
C PRO A 35 -17.23 -5.31 26.01
N GLY A 36 -18.31 -4.55 25.92
CA GLY A 36 -18.33 -3.26 26.58
C GLY A 36 -17.97 -2.08 25.70
N GLU A 37 -17.50 -2.35 24.49
CA GLU A 37 -17.14 -1.27 23.57
C GLU A 37 -18.32 -0.87 22.71
N SER A 38 -18.41 0.42 22.41
CA SER A 38 -19.46 0.88 21.51
C SER A 38 -18.83 0.52 20.17
N LEU A 39 -19.61 0.42 19.11
CA LEU A 39 -19.02 0.07 17.83
C LEU A 39 -18.11 1.18 17.31
N GLU A 40 -18.43 2.42 17.66
CA GLU A 40 -17.61 3.56 17.21
C GLU A 40 -16.22 3.48 17.85
N GLU A 41 -16.21 3.20 19.16
CA GLU A 41 -14.98 3.08 19.93
C GLU A 41 -14.13 1.93 19.40
N ALA A 42 -14.78 0.83 19.07
CA ALA A 42 -14.08 -0.34 18.54
C ALA A 42 -13.47 -0.02 17.17
N ALA A 43 -14.20 0.71 16.34
CA ALA A 43 -13.70 1.06 15.00
C ALA A 43 -12.43 1.89 15.10
N VAL A 44 -12.44 2.88 15.99
CA VAL A 44 -11.27 3.73 16.17
C VAL A 44 -10.07 2.88 16.61
N ARG A 45 -10.33 1.93 17.51
CA ARG A 45 -9.28 1.04 18.01
C ARG A 45 -8.73 0.14 16.92
N GLU A 46 -9.61 -0.45 16.13
CA GLU A 46 -9.18 -1.34 15.05
C GLU A 46 -8.33 -0.59 14.02
N VAL A 47 -8.72 0.64 13.71
CA VAL A 47 -7.96 1.44 12.75
C VAL A 47 -6.54 1.62 13.29
N TRP A 48 -6.43 2.00 14.55
CA TRP A 48 -5.13 2.20 15.18
C TRP A 48 -4.30 0.92 15.18
N GLU A 49 -4.91 -0.18 15.64
CA GLU A 49 -4.22 -1.46 15.70
C GLU A 49 -3.75 -2.00 14.37
N GLU A 50 -4.59 -1.87 13.34
CA GLU A 50 -4.25 -2.40 12.04
C GLU A 50 -3.45 -1.52 11.10
N THR A 51 -3.53 -0.20 11.29
CA THR A 51 -2.81 0.69 10.39
C THR A 51 -1.86 1.66 11.10
N GLY A 52 -1.96 1.72 12.43
CA GLY A 52 -1.11 2.63 13.17
C GLY A 52 -1.51 4.08 12.93
N VAL A 53 -2.77 4.29 12.56
CA VAL A 53 -3.27 5.63 12.29
C VAL A 53 -4.26 6.05 13.37
N ARG A 54 -4.05 7.24 13.91
CA ARG A 54 -4.95 7.80 14.93
C ARG A 54 -6.05 8.52 14.18
N ALA A 55 -7.29 8.10 14.37
CA ALA A 55 -8.41 8.73 13.67
C ALA A 55 -9.50 9.23 14.59
N GLU A 56 -10.29 10.17 14.08
CA GLU A 56 -11.40 10.74 14.83
C GLU A 56 -12.66 10.53 14.00
N VAL A 57 -13.71 10.02 14.62
CA VAL A 57 -14.97 9.75 13.95
C VAL A 57 -15.70 11.06 13.62
N LEU A 58 -16.12 11.21 12.37
CA LEU A 58 -16.84 12.41 11.95
C LEU A 58 -18.34 12.15 12.02
N LEU A 59 -18.76 11.00 11.52
CA LEU A 59 -20.17 10.63 11.52
C LEU A 59 -20.32 9.15 11.17
N PRO A 60 -21.49 8.57 11.45
CA PRO A 60 -21.71 7.15 11.15
C PRO A 60 -22.12 6.95 9.69
N LEU A 61 -21.78 5.78 9.15
CA LEU A 61 -22.15 5.46 7.77
C LEU A 61 -23.29 4.45 7.84
N TYR A 62 -23.04 3.21 7.42
CA TYR A 62 -24.07 2.16 7.48
C TYR A 62 -23.36 0.81 7.49
N PRO A 63 -24.04 -0.24 7.97
CA PRO A 63 -23.43 -1.57 8.00
C PRO A 63 -23.45 -2.34 6.68
N THR A 64 -22.42 -3.13 6.45
CA THR A 64 -22.35 -3.96 5.24
C THR A 64 -22.38 -5.40 5.74
N ARG A 65 -22.81 -6.32 4.89
CA ARG A 65 -22.90 -7.71 5.28
C ARG A 65 -22.36 -8.65 4.20
N TYR A 66 -21.76 -9.75 4.63
CA TYR A 66 -21.21 -10.74 3.72
C TYR A 66 -20.79 -11.97 4.53
N VAL A 67 -20.57 -13.08 3.83
CA VAL A 67 -20.15 -14.31 4.49
C VAL A 67 -18.68 -14.50 4.16
N ASN A 68 -17.84 -14.66 5.19
CA ASN A 68 -16.42 -14.85 4.95
C ASN A 68 -16.12 -16.27 4.46
N PRO A 69 -14.87 -16.54 4.06
CA PRO A 69 -14.47 -17.86 3.57
C PRO A 69 -14.81 -19.03 4.50
N LYS A 70 -14.92 -18.78 5.80
CA LYS A 70 -15.23 -19.83 6.75
C LYS A 70 -16.72 -20.05 6.96
N GLY A 71 -17.53 -19.38 6.13
CA GLY A 71 -18.97 -19.52 6.23
C GLY A 71 -19.64 -18.69 7.29
N VAL A 72 -18.90 -17.79 7.93
CA VAL A 72 -19.48 -16.95 8.98
C VAL A 72 -19.99 -15.64 8.39
N GLU A 73 -21.26 -15.33 8.65
CA GLU A 73 -21.82 -14.09 8.15
C GLU A 73 -21.37 -12.95 9.05
N ARG A 74 -20.91 -11.88 8.43
CA ARG A 74 -20.43 -10.73 9.17
C ARG A 74 -21.29 -9.50 8.91
N GLU A 75 -21.47 -8.69 9.94
CA GLU A 75 -22.21 -7.43 9.82
C GLU A 75 -21.24 -6.42 10.37
N VAL A 76 -20.59 -5.69 9.47
CA VAL A 76 -19.61 -4.68 9.87
C VAL A 76 -20.20 -3.29 9.81
N HIS A 77 -20.12 -2.59 10.95
CA HIS A 77 -20.63 -1.24 11.06
C HIS A 77 -19.51 -0.27 10.77
N TRP A 78 -19.78 0.67 9.86
CA TRP A 78 -18.78 1.64 9.43
C TRP A 78 -18.96 3.07 9.92
N PHE A 79 -17.83 3.76 10.05
CA PHE A 79 -17.80 5.14 10.51
C PHE A 79 -16.84 5.96 9.68
N LEU A 80 -17.28 7.16 9.29
CA LEU A 80 -16.46 8.07 8.50
C LEU A 80 -15.49 8.72 9.47
N MET A 81 -14.20 8.69 9.14
CA MET A 81 -13.19 9.27 10.03
C MET A 81 -12.20 10.15 9.30
N ARG A 82 -11.42 10.91 10.08
CA ARG A 82 -10.38 11.78 9.57
C ARG A 82 -9.09 11.38 10.29
N GLY A 83 -8.01 11.22 9.54
CA GLY A 83 -6.75 10.84 10.14
C GLY A 83 -5.56 11.25 9.30
N GLU A 84 -4.38 11.24 9.89
CA GLU A 84 -3.14 11.61 9.21
C GLU A 84 -2.03 10.67 9.67
N GLY A 85 -0.95 10.62 8.90
CA GLY A 85 0.17 9.79 9.27
C GLY A 85 0.45 8.62 8.36
N ALA A 86 1.70 8.18 8.35
CA ALA A 86 2.11 7.05 7.52
C ALA A 86 1.58 5.79 8.19
N PRO A 87 1.06 4.84 7.40
CA PRO A 87 0.53 3.60 7.95
C PRO A 87 1.59 2.59 8.36
N ARG A 88 1.20 1.67 9.25
CA ARG A 88 2.06 0.60 9.72
C ARG A 88 1.25 -0.69 9.68
N LEU A 89 1.76 -1.71 9.00
CA LEU A 89 1.05 -2.97 8.89
C LEU A 89 1.27 -3.87 10.10
N GLU A 90 0.20 -4.51 10.57
CA GLU A 90 0.33 -5.43 11.69
C GLU A 90 0.51 -6.79 11.02
N GLU A 91 1.04 -7.75 11.75
CA GLU A 91 1.27 -9.09 11.19
C GLU A 91 0.05 -9.60 10.43
N GLY A 92 0.29 -10.16 9.24
CA GLY A 92 -0.80 -10.68 8.44
C GLY A 92 -1.08 -9.87 7.19
N MET A 93 -1.09 -8.54 7.33
CA MET A 93 -1.36 -7.65 6.21
C MET A 93 -0.30 -7.74 5.11
N THR A 94 -0.72 -7.53 3.88
CA THR A 94 0.19 -7.60 2.72
C THR A 94 0.31 -6.25 2.02
N GLY A 95 -0.25 -5.21 2.63
CA GLY A 95 -0.17 -3.89 2.03
C GLY A 95 -1.00 -2.88 2.79
N ALA A 96 -0.73 -1.60 2.54
CA ALA A 96 -1.46 -0.51 3.17
C ALA A 96 -1.02 0.80 2.54
N GLY A 97 -1.89 1.80 2.60
CA GLY A 97 -1.55 3.09 2.04
C GLY A 97 -2.73 4.02 1.91
N TRP A 98 -2.45 5.26 1.51
CA TRP A 98 -3.48 6.26 1.30
C TRP A 98 -3.71 6.29 -0.20
N PHE A 99 -4.98 6.35 -0.60
CA PHE A 99 -5.34 6.34 -2.02
C PHE A 99 -6.37 7.38 -2.42
N SER A 100 -6.23 7.92 -3.63
CA SER A 100 -7.20 8.88 -4.12
C SER A 100 -8.45 8.05 -4.41
N PRO A 101 -9.63 8.69 -4.46
CA PRO A 101 -10.85 7.92 -4.74
C PRO A 101 -10.73 7.13 -6.03
N GLU A 102 -10.12 7.73 -7.04
CA GLU A 102 -9.94 7.08 -8.32
C GLU A 102 -9.12 5.80 -8.17
N GLU A 103 -8.04 5.88 -7.40
CA GLU A 103 -7.19 4.71 -7.18
C GLU A 103 -7.92 3.64 -6.38
N ALA A 104 -8.66 4.06 -5.36
CA ALA A 104 -9.41 3.15 -4.51
C ALA A 104 -10.47 2.38 -5.31
N ARG A 105 -11.17 3.08 -6.19
CA ARG A 105 -12.20 2.45 -7.01
C ARG A 105 -11.59 1.34 -7.86
N ALA A 106 -10.33 1.51 -8.23
CA ALA A 106 -9.64 0.52 -9.06
C ALA A 106 -8.95 -0.59 -8.26
N LEU A 107 -8.88 -0.45 -6.93
CA LEU A 107 -8.23 -1.45 -6.08
C LEU A 107 -9.17 -2.23 -5.16
N LEU A 108 -10.15 -1.54 -4.57
CA LEU A 108 -11.10 -2.21 -3.67
C LEU A 108 -11.64 -3.50 -4.27
N ALA A 109 -11.55 -4.57 -3.49
CA ALA A 109 -11.98 -5.89 -3.94
C ALA A 109 -13.48 -6.14 -4.01
N PHE A 110 -14.24 -5.58 -3.07
CA PHE A 110 -15.68 -5.87 -3.03
C PHE A 110 -16.67 -4.74 -3.27
N PRO A 111 -17.82 -5.07 -3.88
CA PRO A 111 -18.92 -4.15 -4.22
C PRO A 111 -19.45 -3.40 -3.00
N GLU A 112 -19.54 -4.09 -1.88
CA GLU A 112 -20.03 -3.48 -0.65
C GLU A 112 -19.15 -2.29 -0.24
N ASP A 113 -17.84 -2.43 -0.47
CA ASP A 113 -16.92 -1.36 -0.10
C ASP A 113 -16.88 -0.21 -1.08
N LEU A 114 -17.18 -0.48 -2.36
CA LEU A 114 -17.20 0.57 -3.36
C LEU A 114 -18.32 1.57 -3.05
N GLY A 115 -19.51 1.03 -2.78
CA GLY A 115 -20.65 1.87 -2.47
C GLY A 115 -20.40 2.67 -1.20
N LEU A 116 -19.73 2.03 -0.24
CA LEU A 116 -19.41 2.66 1.03
C LEU A 116 -18.49 3.85 0.78
N LEU A 117 -17.53 3.66 -0.12
CA LEU A 117 -16.59 4.72 -0.47
C LEU A 117 -17.31 5.94 -1.03
N GLU A 118 -18.24 5.70 -1.94
CA GLU A 118 -18.99 6.79 -2.57
C GLU A 118 -19.84 7.56 -1.56
N VAL A 119 -20.53 6.86 -0.68
CA VAL A 119 -21.36 7.53 0.33
C VAL A 119 -20.48 8.30 1.30
N ALA A 120 -19.34 7.73 1.66
CA ALA A 120 -18.41 8.40 2.57
C ALA A 120 -17.95 9.72 1.93
N LEU A 121 -17.64 9.66 0.64
CA LEU A 121 -17.19 10.85 -0.09
C LEU A 121 -18.26 11.92 -0.17
N GLU A 122 -19.52 11.50 -0.29
CA GLU A 122 -20.63 12.45 -0.36
C GLU A 122 -20.79 13.21 0.96
N ARG A 123 -20.46 12.54 2.06
CA ARG A 123 -20.61 13.13 3.39
C ARG A 123 -19.33 13.69 4.03
N LEU A 124 -18.20 13.58 3.33
CA LEU A 124 -16.93 14.07 3.85
C LEU A 124 -16.85 15.60 3.79
N PRO A 125 -16.79 16.26 4.97
CA PRO A 125 -16.70 17.73 5.02
C PRO A 125 -15.49 18.27 4.25
N LEU A 126 -15.66 19.42 3.58
CA LEU A 126 -14.58 20.02 2.82
C LEU A 126 -13.50 20.56 3.75
N MET B 1 25.07 14.94 -10.57
CA MET B 1 24.12 13.80 -10.61
C MET B 1 24.42 12.82 -9.49
N GLU B 2 23.38 12.25 -8.89
CA GLU B 2 23.57 11.27 -7.82
C GLU B 2 22.98 9.94 -8.25
N LEU B 3 23.78 8.89 -8.12
CA LEU B 3 23.35 7.55 -8.47
C LEU B 3 22.32 7.00 -7.50
N GLY B 4 21.51 6.08 -8.00
CA GLY B 4 20.50 5.43 -7.21
C GLY B 4 20.51 3.97 -7.61
N ALA B 5 20.04 3.10 -6.73
CA ALA B 5 19.99 1.67 -7.01
C ALA B 5 18.75 1.10 -6.36
N GLY B 6 17.96 0.35 -7.14
CA GLY B 6 16.75 -0.22 -6.60
C GLY B 6 16.31 -1.46 -7.34
N GLY B 7 15.18 -2.02 -6.92
CA GLY B 7 14.72 -3.23 -7.58
C GLY B 7 13.24 -3.32 -7.89
N VAL B 8 12.95 -4.08 -8.94
CA VAL B 8 11.60 -4.38 -9.39
C VAL B 8 11.50 -5.80 -8.84
N VAL B 9 10.85 -5.93 -7.70
CA VAL B 9 10.75 -7.22 -7.01
C VAL B 9 9.43 -7.95 -7.21
N PHE B 10 9.53 -9.24 -7.56
CA PHE B 10 8.37 -10.09 -7.78
C PHE B 10 8.39 -11.25 -6.78
N ASN B 11 7.22 -11.61 -6.26
CA ASN B 11 7.16 -12.74 -5.34
C ASN B 11 6.77 -13.99 -6.14
N ALA B 12 6.58 -15.10 -5.46
CA ALA B 12 6.23 -16.35 -6.12
C ALA B 12 4.91 -16.27 -6.87
N LYS B 13 4.04 -15.35 -6.46
CA LYS B 13 2.74 -15.19 -7.10
C LYS B 13 2.83 -14.23 -8.29
N ARG B 14 4.04 -13.79 -8.61
CA ARG B 14 4.28 -12.88 -9.71
C ARG B 14 3.65 -11.50 -9.52
N GLU B 15 3.57 -11.09 -8.25
CA GLU B 15 3.05 -9.78 -7.91
C GLU B 15 4.29 -8.91 -7.75
N VAL B 16 4.19 -7.62 -8.02
CA VAL B 16 5.34 -6.73 -7.89
C VAL B 16 5.24 -5.84 -6.64
N LEU B 17 6.38 -5.59 -6.02
CA LEU B 17 6.45 -4.78 -4.81
C LEU B 17 6.54 -3.29 -5.11
N LEU B 18 5.58 -2.51 -4.61
CA LEU B 18 5.58 -1.06 -4.86
C LEU B 18 5.60 -0.26 -3.56
N LEU B 19 6.15 0.94 -3.62
CA LEU B 19 6.25 1.83 -2.46
C LEU B 19 5.63 3.18 -2.81
N ARG B 20 4.96 3.82 -1.86
CA ARG B 20 4.36 5.13 -2.09
C ARG B 20 5.25 6.10 -1.32
N ASP B 21 5.91 7.02 -2.02
CA ASP B 21 6.81 7.96 -1.35
C ASP B 21 6.15 9.10 -0.59
N ARG B 22 6.97 9.98 -0.04
CA ARG B 22 6.49 11.12 0.73
C ARG B 22 5.60 12.06 -0.07
N MET B 23 5.73 12.05 -1.39
CA MET B 23 4.90 12.93 -2.21
C MET B 23 3.65 12.22 -2.73
N GLY B 24 3.44 10.99 -2.28
CA GLY B 24 2.28 10.25 -2.72
C GLY B 24 2.41 9.60 -4.08
N PHE B 25 3.63 9.35 -4.52
CA PHE B 25 3.86 8.70 -5.81
C PHE B 25 4.21 7.23 -5.60
N TRP B 26 3.57 6.35 -6.36
CA TRP B 26 3.90 4.93 -6.25
C TRP B 26 5.11 4.67 -7.15
N VAL B 27 6.17 4.15 -6.55
CA VAL B 27 7.42 3.88 -7.23
C VAL B 27 8.02 2.57 -6.74
N PHE B 28 9.21 2.24 -7.25
CA PHE B 28 9.93 1.02 -6.85
C PHE B 28 10.94 1.42 -5.77
N PRO B 29 11.23 0.52 -4.82
CA PRO B 29 12.19 0.85 -3.76
C PRO B 29 13.61 1.02 -4.30
N LYS B 30 14.29 2.07 -3.83
CA LYS B 30 15.65 2.36 -4.27
C LYS B 30 16.30 3.37 -3.33
N GLY B 31 17.61 3.54 -3.46
CA GLY B 31 18.31 4.49 -2.62
C GLY B 31 19.74 4.72 -3.07
N HIS B 32 20.47 5.53 -2.31
CA HIS B 32 21.86 5.85 -2.62
C HIS B 32 22.79 4.69 -2.28
N PRO B 33 23.72 4.37 -3.18
CA PRO B 33 24.68 3.29 -2.93
C PRO B 33 25.72 3.86 -1.98
N GLU B 34 26.33 3.01 -1.15
CA GLU B 34 27.37 3.50 -0.25
C GLU B 34 28.69 3.36 -1.01
N PRO B 35 29.74 4.07 -0.59
CA PRO B 35 31.01 3.94 -1.31
C PRO B 35 31.49 2.50 -1.29
N GLY B 36 32.14 2.05 -2.36
CA GLY B 36 32.65 0.69 -2.40
C GLY B 36 31.59 -0.39 -2.52
N GLU B 37 30.33 0.03 -2.57
CA GLU B 37 29.21 -0.91 -2.69
C GLU B 37 28.83 -1.01 -4.16
N SER B 38 28.60 -2.22 -4.66
CA SER B 38 28.18 -2.38 -6.06
C SER B 38 26.74 -1.89 -6.11
N LEU B 39 26.25 -1.54 -7.29
CA LEU B 39 24.88 -1.06 -7.38
C LEU B 39 23.89 -2.20 -7.09
N GLU B 40 24.24 -3.41 -7.49
CA GLU B 40 23.36 -4.57 -7.24
C GLU B 40 23.22 -4.78 -5.73
N GLU B 41 24.35 -4.69 -5.03
CA GLU B 41 24.39 -4.84 -3.59
C GLU B 41 23.57 -3.76 -2.89
N ALA B 42 23.71 -2.51 -3.34
CA ALA B 42 22.98 -1.39 -2.77
C ALA B 42 21.48 -1.56 -3.00
N ALA B 43 21.12 -2.00 -4.19
CA ALA B 43 19.71 -2.22 -4.53
C ALA B 43 19.07 -3.23 -3.59
N VAL B 44 19.75 -4.35 -3.36
CA VAL B 44 19.25 -5.38 -2.48
C VAL B 44 19.09 -4.82 -1.06
N ARG B 45 20.10 -4.07 -0.62
CA ARG B 45 20.07 -3.47 0.71
C ARG B 45 18.94 -2.46 0.82
N GLU B 46 18.79 -1.61 -0.19
CA GLU B 46 17.74 -0.60 -0.17
C GLU B 46 16.33 -1.21 -0.12
N VAL B 47 16.12 -2.31 -0.84
CA VAL B 47 14.84 -2.99 -0.84
C VAL B 47 14.53 -3.49 0.57
N TRP B 48 15.55 -4.05 1.22
CA TRP B 48 15.40 -4.56 2.58
C TRP B 48 15.09 -3.42 3.55
N GLU B 49 15.90 -2.37 3.50
CA GLU B 49 15.72 -1.22 4.38
C GLU B 49 14.38 -0.51 4.25
N GLU B 50 13.90 -0.34 3.02
CA GLU B 50 12.65 0.38 2.80
C GLU B 50 11.36 -0.41 2.79
N THR B 51 11.44 -1.73 2.66
CA THR B 51 10.23 -2.54 2.61
C THR B 51 10.28 -3.77 3.51
N GLY B 52 11.45 -4.04 4.09
CA GLY B 52 11.57 -5.19 4.96
C GLY B 52 11.48 -6.50 4.19
N VAL B 53 11.68 -6.43 2.88
CA VAL B 53 11.62 -7.62 2.04
C VAL B 53 13.02 -8.08 1.66
N ARG B 54 13.30 -9.36 1.89
CA ARG B 54 14.58 -9.94 1.52
C ARG B 54 14.45 -10.36 0.06
N ALA B 55 15.32 -9.83 -0.79
CA ALA B 55 15.24 -10.16 -2.22
C ALA B 55 16.57 -10.61 -2.80
N GLU B 56 16.49 -11.31 -3.92
CA GLU B 56 17.67 -11.79 -4.63
C GLU B 56 17.58 -11.31 -6.07
N VAL B 57 18.70 -10.81 -6.60
CA VAL B 57 18.73 -10.32 -7.96
C VAL B 57 18.72 -11.44 -8.99
N LEU B 58 17.87 -11.31 -10.00
CA LEU B 58 17.77 -12.31 -11.06
C LEU B 58 18.55 -11.84 -12.28
N LEU B 59 18.40 -10.56 -12.61
CA LEU B 59 19.11 -10.01 -13.75
C LEU B 59 19.03 -8.49 -13.76
N PRO B 60 19.93 -7.84 -14.52
CA PRO B 60 19.91 -6.38 -14.59
C PRO B 60 18.86 -5.88 -15.56
N LEU B 61 18.36 -4.68 -15.28
CA LEU B 61 17.38 -4.06 -16.17
C LEU B 61 18.11 -2.93 -16.88
N TYR B 62 17.75 -1.70 -16.58
CA TYR B 62 18.40 -0.54 -17.19
C TYR B 62 18.14 0.67 -16.30
N PRO B 63 18.96 1.72 -16.41
CA PRO B 63 18.78 2.92 -15.58
C PRO B 63 17.76 3.93 -16.10
N THR B 64 17.14 4.65 -15.18
CA THR B 64 16.19 5.69 -15.55
C THR B 64 16.77 6.98 -15.00
N ARG B 65 16.35 8.11 -15.55
CA ARG B 65 16.85 9.39 -15.09
C ARG B 65 15.74 10.41 -14.94
N TYR B 66 15.92 11.32 -13.98
CA TYR B 66 14.96 12.38 -13.71
C TYR B 66 15.60 13.35 -12.72
N VAL B 67 14.92 14.46 -12.47
CA VAL B 67 15.41 15.47 -11.53
C VAL B 67 14.46 15.50 -10.34
N ASN B 68 14.99 15.37 -9.12
CA ASN B 68 14.11 15.38 -7.96
C ASN B 68 13.68 16.80 -7.58
N PRO B 69 12.66 16.93 -6.72
CA PRO B 69 12.14 18.22 -6.27
C PRO B 69 13.19 19.23 -5.80
N LYS B 70 14.36 18.74 -5.40
CA LYS B 70 15.43 19.62 -4.92
C LYS B 70 16.26 20.18 -6.06
N GLY B 71 16.07 19.63 -7.26
CA GLY B 71 16.82 20.09 -8.42
C GLY B 71 18.04 19.22 -8.70
N VAL B 72 18.11 18.07 -8.03
CA VAL B 72 19.24 17.15 -8.22
C VAL B 72 18.89 16.05 -9.21
N GLU B 73 19.72 15.90 -10.25
CA GLU B 73 19.44 14.86 -11.24
C GLU B 73 19.85 13.51 -10.68
N ARG B 74 18.98 12.52 -10.88
CA ARG B 74 19.25 11.17 -10.41
C ARG B 74 19.36 10.20 -11.56
N GLU B 75 20.21 9.20 -11.40
CA GLU B 75 20.37 8.16 -12.40
C GLU B 75 20.21 6.88 -11.58
N VAL B 76 19.05 6.26 -11.67
CA VAL B 76 18.80 5.05 -10.91
C VAL B 76 18.93 3.78 -11.72
N HIS B 77 19.81 2.89 -11.26
CA HIS B 77 20.02 1.62 -11.92
C HIS B 77 19.12 0.59 -11.27
N TRP B 78 18.42 -0.17 -12.10
CA TRP B 78 17.46 -1.15 -11.63
C TRP B 78 17.84 -2.58 -11.89
N PHE B 79 17.32 -3.46 -11.05
CA PHE B 79 17.58 -4.89 -11.12
C PHE B 79 16.28 -5.67 -10.91
N LEU B 80 16.11 -6.73 -11.68
CA LEU B 80 14.93 -7.60 -11.55
C LEU B 80 15.23 -8.54 -10.39
N MET B 81 14.35 -8.58 -9.41
CA MET B 81 14.54 -9.43 -8.24
C MET B 81 13.35 -10.32 -7.93
N ARG B 82 13.60 -11.28 -7.04
CA ARG B 82 12.59 -12.20 -6.55
C ARG B 82 12.61 -12.03 -5.04
N GLY B 83 11.43 -11.85 -4.43
CA GLY B 83 11.38 -11.67 -2.99
C GLY B 83 10.07 -12.12 -2.39
N GLU B 84 10.02 -12.22 -1.07
CA GLU B 84 8.82 -12.65 -0.35
C GLU B 84 8.65 -11.90 0.96
N GLY B 85 7.46 -11.97 1.53
CA GLY B 85 7.19 -11.32 2.80
C GLY B 85 6.31 -10.09 2.73
N ALA B 86 5.72 -9.73 3.87
CA ALA B 86 4.86 -8.56 3.96
C ALA B 86 5.75 -7.34 4.11
N PRO B 87 5.40 -6.24 3.46
CA PRO B 87 6.19 -5.02 3.54
C PRO B 87 6.09 -4.29 4.87
N ARG B 88 7.19 -3.70 5.28
CA ARG B 88 7.25 -2.92 6.51
C ARG B 88 7.72 -1.55 6.07
N LEU B 89 6.87 -0.54 6.22
CA LEU B 89 7.23 0.81 5.80
C LEU B 89 8.31 1.46 6.64
N GLU B 90 9.18 2.20 5.97
CA GLU B 90 10.26 2.91 6.64
C GLU B 90 9.74 4.33 6.86
N GLU B 91 10.20 4.99 7.92
CA GLU B 91 9.75 6.34 8.22
C GLU B 91 9.77 7.23 6.99
N GLY B 92 8.65 7.91 6.75
CA GLY B 92 8.56 8.79 5.60
C GLY B 92 7.65 8.31 4.49
N MET B 93 7.66 7.00 4.23
CA MET B 93 6.82 6.45 3.18
C MET B 93 5.34 6.46 3.56
N THR B 94 4.48 6.63 2.56
CA THR B 94 3.04 6.70 2.80
C THR B 94 2.26 5.46 2.38
N GLY B 95 2.95 4.41 1.99
CA GLY B 95 2.26 3.20 1.58
C GLY B 95 3.20 2.18 0.98
N ALA B 96 2.75 0.92 0.91
CA ALA B 96 3.55 -0.16 0.35
C ALA B 96 2.67 -1.39 0.16
N GLY B 97 3.04 -2.25 -0.78
CA GLY B 97 2.27 -3.46 -1.00
C GLY B 97 2.63 -4.25 -2.23
N TRP B 98 2.03 -5.44 -2.35
CA TRP B 98 2.23 -6.31 -3.49
C TRP B 98 1.08 -6.06 -4.46
N PHE B 99 1.39 -5.94 -5.73
CA PHE B 99 0.38 -5.65 -6.74
C PHE B 99 0.48 -6.53 -7.97
N SER B 100 -0.67 -6.80 -8.60
CA SER B 100 -0.68 -7.59 -9.82
C SER B 100 -0.14 -6.68 -10.92
N PRO B 101 0.29 -7.26 -12.05
CA PRO B 101 0.82 -6.45 -13.14
C PRO B 101 -0.16 -5.34 -13.55
N GLU B 102 -1.43 -5.69 -13.69
CA GLU B 102 -2.45 -4.71 -14.07
C GLU B 102 -2.62 -3.60 -13.04
N GLU B 103 -2.63 -3.96 -11.76
CA GLU B 103 -2.78 -2.95 -10.71
C GLU B 103 -1.58 -2.01 -10.72
N ALA B 104 -0.39 -2.56 -10.91
CA ALA B 104 0.84 -1.76 -10.93
C ALA B 104 0.86 -0.83 -12.15
N ARG B 105 0.44 -1.34 -13.31
CA ARG B 105 0.41 -0.53 -14.52
C ARG B 105 -0.41 0.75 -14.32
N ALA B 106 -1.53 0.62 -13.62
CA ALA B 106 -2.40 1.77 -13.36
C ALA B 106 -1.95 2.67 -12.21
N LEU B 107 -1.31 2.08 -11.20
CA LEU B 107 -0.87 2.85 -10.03
C LEU B 107 0.43 3.65 -10.16
N LEU B 108 1.42 3.09 -10.85
CA LEU B 108 2.71 3.75 -11.01
C LEU B 108 2.56 5.19 -11.47
N ALA B 109 3.22 6.10 -10.76
CA ALA B 109 3.15 7.52 -11.05
C ALA B 109 3.84 7.97 -12.34
N PHE B 110 5.00 7.39 -12.65
CA PHE B 110 5.76 7.86 -13.81
C PHE B 110 5.93 6.88 -14.96
N PRO B 111 5.86 7.39 -16.21
CA PRO B 111 6.00 6.58 -17.42
C PRO B 111 7.33 5.83 -17.46
N GLU B 112 8.37 6.44 -16.93
CA GLU B 112 9.67 5.78 -16.91
C GLU B 112 9.55 4.48 -16.14
N ASP B 113 8.83 4.52 -15.02
CA ASP B 113 8.64 3.33 -14.21
C ASP B 113 7.68 2.33 -14.84
N LEU B 114 6.71 2.84 -15.61
CA LEU B 114 5.76 1.95 -16.28
C LEU B 114 6.54 1.17 -17.33
N GLY B 115 7.41 1.87 -18.06
CA GLY B 115 8.21 1.23 -19.08
C GLY B 115 9.15 0.20 -18.48
N LEU B 116 9.69 0.53 -17.31
CA LEU B 116 10.60 -0.38 -16.61
C LEU B 116 9.84 -1.64 -16.21
N LEU B 117 8.60 -1.47 -15.77
CA LEU B 117 7.77 -2.60 -15.37
C LEU B 117 7.52 -3.55 -16.55
N GLU B 118 7.23 -2.98 -17.72
CA GLU B 118 6.96 -3.80 -18.89
C GLU B 118 8.17 -4.65 -19.26
N VAL B 119 9.36 -4.06 -19.24
CA VAL B 119 10.57 -4.81 -19.56
C VAL B 119 10.79 -5.88 -18.49
N ALA B 120 10.61 -5.50 -17.23
CA ALA B 120 10.77 -6.44 -16.13
C ALA B 120 9.82 -7.63 -16.31
N LEU B 121 8.58 -7.34 -16.69
CA LEU B 121 7.59 -8.41 -16.89
C LEU B 121 7.97 -9.36 -18.03
N GLU B 122 8.58 -8.81 -19.07
CA GLU B 122 9.00 -9.64 -20.21
C GLU B 122 10.14 -10.58 -19.82
N ARG B 123 11.06 -10.08 -18.98
CA ARG B 123 12.22 -10.87 -18.57
C ARG B 123 12.02 -11.78 -17.37
N LEU B 124 10.90 -11.61 -16.66
CA LEU B 124 10.62 -12.43 -15.49
C LEU B 124 10.45 -13.90 -15.89
N PRO B 125 11.27 -14.79 -15.32
CA PRO B 125 11.19 -16.22 -15.61
C PRO B 125 9.89 -16.83 -15.09
N LEU B 126 9.46 -17.93 -15.70
CA LEU B 126 8.24 -18.59 -15.28
C LEU B 126 8.54 -19.77 -14.37
#